data_5DCZ
#
_entry.id   5DCZ
#
_cell.length_a   66.599
_cell.length_b   66.599
_cell.length_c   114.610
_cell.angle_alpha   90.00
_cell.angle_beta   90.00
_cell.angle_gamma   90.00
#
_symmetry.space_group_name_H-M   'P 41 21 2'
#
loop_
_entity.id
_entity.type
_entity.pdbx_description
1 polymer Tankyrase-2
2 non-polymer 'ZINC ION'
3 non-polymer 'PHOSPHATE ION'
4 non-polymer morpholin-4-yl[4-(tetrazolo[1,5-a]quinoxalin-4-ylamino)phenyl]methanone
5 water water
#
_entity_poly.entity_id   1
_entity_poly.type   'polypeptide(L)'
_entity_poly.pdbx_seq_one_letter_code
;GQQGLNPYLTLNTSGSGTILIDLSPDDKEFQSVEEEMQSTVREHRDGGHAGGIFNRYNILKIQKVCNKKLWERYTHRRKE
VSEENHNHANERMLFHGSPFVNAIIHKGFDERHAYIGGMFGAGIYFAENSSKSNQYVYGIGGGTGCPVHKDRSCYICHRQ
LLFCRVTLGKSFLQFSAMKMAHSPPGHHSVTGRPSVNGLALAEYVIYRGEQAYPEYLITYQIMRPEGMVDG
;
_entity_poly.pdbx_strand_id   A
#
loop_
_chem_comp.id
_chem_comp.type
_chem_comp.name
_chem_comp.formula
59B non-polymer morpholin-4-yl[4-(tetrazolo[1,5-a]quinoxalin-4-ylamino)phenyl]methanone 'C19 H17 N7 O2'
PO4 non-polymer 'PHOSPHATE ION' 'O4 P -3'
ZN non-polymer 'ZINC ION' 'Zn 2'
#
# COMPACT_ATOMS: atom_id res chain seq x y z
N GLY A 17 3.98 -20.51 4.19
CA GLY A 17 5.46 -20.40 4.33
C GLY A 17 5.98 -18.97 4.16
N THR A 18 5.39 -18.04 4.89
CA THR A 18 5.92 -16.67 4.94
C THR A 18 6.90 -16.53 6.08
N ILE A 19 8.06 -15.94 5.81
CA ILE A 19 8.95 -15.49 6.86
C ILE A 19 9.22 -13.99 6.71
N LEU A 20 9.51 -13.35 7.84
CA LEU A 20 9.81 -11.92 7.91
C LEU A 20 11.25 -11.72 8.36
N ILE A 21 12.04 -11.03 7.54
CA ILE A 21 13.44 -10.73 7.87
C ILE A 21 13.57 -9.26 8.24
N ASP A 22 14.09 -8.98 9.43
CA ASP A 22 14.36 -7.60 9.85
CA ASP A 22 14.36 -7.60 9.85
C ASP A 22 15.53 -7.01 9.09
N LEU A 23 15.39 -5.76 8.66
CA LEU A 23 16.49 -5.05 8.04
C LEU A 23 17.13 -4.13 9.10
N SER A 24 18.46 -4.07 9.07
CA SER A 24 19.21 -3.18 9.93
C SER A 24 19.00 -1.74 9.43
N PRO A 25 18.87 -0.77 10.35
CA PRO A 25 18.83 0.63 9.91
C PRO A 25 20.08 1.10 9.15
N ASP A 26 21.17 0.32 9.22
CA ASP A 26 22.40 0.59 8.48
C ASP A 26 22.36 0.06 7.03
N ASP A 27 21.38 -0.81 6.75
CA ASP A 27 21.17 -1.35 5.41
C ASP A 27 20.65 -0.26 4.47
N LYS A 28 21.22 -0.19 3.27
CA LYS A 28 20.77 0.75 2.23
C LYS A 28 19.28 0.57 1.89
N GLU A 29 18.83 -0.68 2.00
CA GLU A 29 17.46 -1.09 1.73
C GLU A 29 16.48 -0.51 2.76
N PHE A 30 16.88 -0.52 4.02
CA PHE A 30 16.08 0.09 5.08
C PHE A 30 15.95 1.58 4.82
N GLN A 31 17.08 2.21 4.49
CA GLN A 31 17.14 3.66 4.31
C GLN A 31 16.36 4.15 3.10
N SER A 32 16.43 3.42 1.99
CA SER A 32 15.70 3.78 0.78
C SER A 32 14.19 3.59 0.98
N VAL A 33 13.79 2.51 1.65
CA VAL A 33 12.38 2.27 1.97
C VAL A 33 11.84 3.34 2.94
N GLU A 34 12.60 3.67 3.98
CA GLU A 34 12.20 4.75 4.90
C GLU A 34 12.03 6.06 4.15
N GLU A 35 13.00 6.39 3.30
CA GLU A 35 12.97 7.66 2.57
C GLU A 35 11.70 7.79 1.70
N GLU A 36 11.31 6.70 1.06
CA GLU A 36 10.10 6.67 0.24
C GLU A 36 8.85 6.91 1.09
N MET A 37 8.86 6.33 2.28
CA MET A 37 7.78 6.53 3.22
C MET A 37 7.71 7.99 3.69
N GLN A 38 8.84 8.54 4.10
CA GLN A 38 8.88 9.89 4.67
C GLN A 38 8.63 10.97 3.60
N SER A 39 9.19 10.78 2.41
CA SER A 39 9.12 11.81 1.37
C SER A 39 7.75 11.93 0.68
N THR A 40 6.86 10.96 0.90
CA THR A 40 5.54 10.95 0.25
C THR A 40 4.40 11.26 1.23
N VAL A 41 4.72 11.86 2.37
CA VAL A 41 3.71 12.37 3.27
C VAL A 41 3.16 13.65 2.67
N ARG A 42 1.84 13.80 2.68
CA ARG A 42 1.21 15.06 2.31
C ARG A 42 0.11 15.43 3.29
N GLU A 43 -0.36 16.67 3.17
CA GLU A 43 -1.56 17.11 3.86
C GLU A 43 -2.78 16.59 3.12
N HIS A 44 -3.81 16.24 3.87
CA HIS A 44 -5.01 15.66 3.30
C HIS A 44 -6.19 16.60 3.50
N ARG A 45 -7.16 16.49 2.62
CA ARG A 45 -8.31 17.39 2.60
C ARG A 45 -9.24 17.22 3.81
N ASP A 46 -9.08 16.12 4.54
CA ASP A 46 -9.85 15.91 5.78
C ASP A 46 -9.20 16.53 7.02
N GLY A 47 -8.11 17.28 6.83
CA GLY A 47 -7.40 17.92 7.93
C GLY A 47 -6.80 16.96 8.96
N GLY A 48 -6.61 15.71 8.56
CA GLY A 48 -6.11 14.67 9.47
C GLY A 48 -7.17 13.81 10.15
N HIS A 49 -8.44 14.00 9.78
CA HIS A 49 -9.54 13.28 10.41
C HIS A 49 -9.35 11.76 10.39
N ALA A 50 -9.04 11.20 9.22
CA ALA A 50 -8.98 9.75 9.04
C ALA A 50 -7.69 9.14 9.55
N GLY A 51 -6.56 9.71 9.12
CA GLY A 51 -5.25 9.15 9.42
C GLY A 51 -4.41 9.89 10.47
N GLY A 52 -4.88 11.05 10.90
CA GLY A 52 -4.20 11.82 11.94
C GLY A 52 -3.41 13.00 11.41
N ILE A 53 -2.94 13.83 12.34
CA ILE A 53 -2.19 15.05 12.03
C ILE A 53 -0.70 14.82 12.25
N PHE A 54 0.08 14.91 11.17
CA PHE A 54 1.52 14.63 11.21
C PHE A 54 2.18 15.07 9.91
N ASN A 55 3.47 15.39 9.99
CA ASN A 55 4.29 15.68 8.81
C ASN A 55 5.28 14.55 8.51
N ARG A 56 5.49 13.66 9.48
CA ARG A 56 6.50 12.61 9.36
C ARG A 56 6.23 11.46 10.33
N TYR A 57 6.99 10.38 10.14
CA TYR A 57 6.82 9.16 10.91
C TYR A 57 8.05 8.89 11.78
N ASN A 58 7.84 8.12 12.85
CA ASN A 58 8.92 7.44 13.53
C ASN A 58 8.88 5.99 13.04
N ILE A 59 9.83 5.64 12.19
CA ILE A 59 9.93 4.27 11.68
C ILE A 59 10.57 3.43 12.79
N LEU A 60 9.89 2.36 13.17
CA LEU A 60 10.34 1.51 14.27
C LEU A 60 10.95 0.22 13.75
N LYS A 61 10.41 -0.31 12.66
CA LYS A 61 10.92 -1.55 12.09
C LYS A 61 10.52 -1.69 10.63
N ILE A 62 11.41 -2.27 9.84
CA ILE A 62 11.10 -2.60 8.44
C ILE A 62 11.53 -4.03 8.19
N GLN A 63 10.55 -4.88 7.88
CA GLN A 63 10.79 -6.30 7.66
C GLN A 63 10.54 -6.66 6.21
N LYS A 64 11.45 -7.45 5.64
CA LYS A 64 11.26 -7.99 4.32
C LYS A 64 10.35 -9.23 4.39
N VAL A 65 9.35 -9.27 3.51
CA VAL A 65 8.39 -10.38 3.46
C VAL A 65 8.80 -11.37 2.38
N CYS A 66 9.04 -12.62 2.78
CA CYS A 66 9.53 -13.65 1.87
C CYS A 66 8.60 -14.85 1.86
N ASN A 67 7.99 -15.07 0.71
CA ASN A 67 7.08 -16.18 0.49
C ASN A 67 7.20 -16.63 -0.96
N LYS A 68 7.74 -17.83 -1.16
CA LYS A 68 8.06 -18.31 -2.50
C LYS A 68 6.79 -18.52 -3.34
N LYS A 69 5.76 -19.09 -2.72
CA LYS A 69 4.48 -19.33 -3.40
C LYS A 69 3.87 -18.02 -3.91
N LEU A 70 3.76 -17.02 -3.02
CA LEU A 70 3.18 -15.74 -3.38
C LEU A 70 4.03 -14.98 -4.42
N TRP A 71 5.34 -15.16 -4.38
CA TRP A 71 6.22 -14.52 -5.36
C TRP A 71 6.07 -15.13 -6.76
N GLU A 72 6.09 -16.46 -6.84
CA GLU A 72 5.95 -17.15 -8.13
C GLU A 72 4.57 -16.91 -8.75
N ARG A 73 3.55 -16.86 -7.90
CA ARG A 73 2.22 -16.41 -8.25
C ARG A 73 2.26 -14.99 -8.85
N TYR A 74 3.00 -14.09 -8.21
CA TYR A 74 3.14 -12.72 -8.70
C TYR A 74 3.86 -12.64 -10.04
N THR A 75 5.02 -13.29 -10.15
CA THR A 75 5.84 -13.20 -11.36
C THR A 75 5.24 -13.94 -12.55
N HIS A 76 4.43 -14.96 -12.27
CA HIS A 76 3.71 -15.67 -13.32
C HIS A 76 2.71 -14.71 -13.97
N ARG A 77 1.88 -14.08 -13.14
CA ARG A 77 0.91 -13.11 -13.63
C ARG A 77 1.61 -11.89 -14.28
N ARG A 78 2.76 -11.50 -13.75
CA ARG A 78 3.52 -10.36 -14.30
C ARG A 78 3.94 -10.63 -15.75
N LYS A 79 4.38 -11.85 -16.01
CA LYS A 79 4.79 -12.26 -17.35
C LYS A 79 3.62 -12.20 -18.32
N GLU A 80 2.45 -12.67 -17.90
CA GLU A 80 1.24 -12.61 -18.73
C GLU A 80 0.94 -11.16 -19.13
N VAL A 81 0.85 -10.29 -18.13
CA VAL A 81 0.52 -8.89 -18.32
C VAL A 81 1.54 -8.22 -19.26
N SER A 82 2.81 -8.48 -18.99
CA SER A 82 3.91 -7.96 -19.78
C SER A 82 3.76 -8.28 -21.27
N GLU A 83 3.38 -9.52 -21.58
CA GLU A 83 3.23 -9.96 -22.97
C GLU A 83 1.99 -9.39 -23.66
N GLU A 84 0.99 -9.00 -22.87
CA GLU A 84 -0.19 -8.28 -23.38
C GLU A 84 0.03 -6.76 -23.48
N ASN A 85 1.23 -6.28 -23.17
CA ASN A 85 1.48 -4.84 -23.08
C ASN A 85 2.89 -4.49 -23.55
N HIS A 86 3.17 -4.79 -24.81
CA HIS A 86 4.47 -4.57 -25.45
C HIS A 86 5.67 -4.79 -24.52
N ASN A 87 5.68 -5.95 -23.87
CA ASN A 87 6.78 -6.36 -22.98
C ASN A 87 7.08 -5.31 -21.89
N HIS A 88 6.00 -4.81 -21.27
CA HIS A 88 6.10 -3.78 -20.24
C HIS A 88 5.09 -4.08 -19.12
N ALA A 89 5.62 -4.60 -18.01
CA ALA A 89 4.79 -4.90 -16.83
C ALA A 89 4.23 -3.65 -16.16
N ASN A 90 4.92 -2.53 -16.32
CA ASN A 90 4.53 -1.28 -15.67
C ASN A 90 4.46 -1.52 -14.16
N GLU A 91 5.55 -2.07 -13.63
CA GLU A 91 5.66 -2.46 -12.24
C GLU A 91 6.07 -1.28 -11.36
N ARG A 92 5.32 -1.03 -10.29
CA ARG A 92 5.57 0.06 -9.36
C ARG A 92 5.80 -0.47 -7.96
N MET A 93 6.43 0.35 -7.11
CA MET A 93 6.42 0.10 -5.66
C MET A 93 5.44 1.07 -5.01
N LEU A 94 4.42 0.54 -4.36
CA LEU A 94 3.33 1.36 -3.83
C LEU A 94 2.91 0.91 -2.44
N PHE A 95 2.33 1.86 -1.70
CA PHE A 95 1.89 1.63 -0.34
C PHE A 95 0.46 1.11 -0.28
N HIS A 96 0.22 0.24 0.69
CA HIS A 96 -1.12 -0.26 0.98
C HIS A 96 -1.30 -0.30 2.49
N GLY A 97 -2.44 0.21 2.96
CA GLY A 97 -2.79 0.17 4.38
C GLY A 97 -4.08 -0.60 4.57
N SER A 98 -4.14 -1.39 5.64
CA SER A 98 -5.30 -2.25 5.89
C SER A 98 -5.31 -2.83 7.30
N PRO A 99 -6.51 -3.06 7.87
CA PRO A 99 -6.59 -3.85 9.10
C PRO A 99 -6.12 -5.30 8.93
N PHE A 100 -6.10 -5.80 7.69
CA PHE A 100 -5.82 -7.21 7.42
C PHE A 100 -4.39 -7.48 6.93
N VAL A 101 -3.43 -6.65 7.36
CA VAL A 101 -2.02 -6.82 6.99
C VAL A 101 -1.54 -8.25 7.20
N ASN A 102 -1.89 -8.80 8.37
CA ASN A 102 -1.47 -10.14 8.76
C ASN A 102 -1.99 -11.19 7.79
N ALA A 103 -3.25 -11.11 7.39
CA ALA A 103 -3.80 -11.99 6.37
C ALA A 103 -3.07 -11.83 5.02
N ILE A 104 -2.74 -10.59 4.65
CA ILE A 104 -2.10 -10.32 3.36
C ILE A 104 -0.70 -10.93 3.28
N ILE A 105 0.10 -10.77 4.31
CA ILE A 105 1.48 -11.27 4.26
C ILE A 105 1.58 -12.81 4.26
N HIS A 106 0.54 -13.50 4.76
CA HIS A 106 0.52 -14.97 4.78
C HIS A 106 -0.29 -15.59 3.63
N LYS A 107 -1.43 -15.00 3.28
CA LYS A 107 -2.30 -15.54 2.25
C LYS A 107 -2.20 -14.80 0.90
N GLY A 108 -1.67 -13.58 0.91
CA GLY A 108 -1.57 -12.75 -0.29
C GLY A 108 -2.81 -11.89 -0.47
N PHE A 109 -2.84 -11.13 -1.55
CA PHE A 109 -4.02 -10.33 -1.91
C PHE A 109 -5.01 -11.21 -2.64
N ASP A 110 -6.30 -10.99 -2.37
CA ASP A 110 -7.37 -11.70 -3.06
C ASP A 110 -8.65 -10.87 -3.07
N GLU A 111 -9.69 -11.42 -3.71
CA GLU A 111 -10.98 -10.75 -3.86
C GLU A 111 -11.68 -10.30 -2.56
N ARG A 112 -11.39 -10.96 -1.45
CA ARG A 112 -11.91 -10.53 -0.14
C ARG A 112 -11.39 -9.15 0.26
N HIS A 113 -10.20 -8.79 -0.24
CA HIS A 113 -9.61 -7.46 -0.04
C HIS A 113 -10.12 -6.40 -1.04
N ALA A 114 -11.08 -6.76 -1.90
CA ALA A 114 -11.67 -5.81 -2.84
C ALA A 114 -12.51 -4.77 -2.10
N TYR A 115 -12.12 -3.51 -2.23
CA TYR A 115 -12.84 -2.39 -1.62
C TYR A 115 -14.02 -2.04 -2.51
N ILE A 116 -15.17 -2.60 -2.17
CA ILE A 116 -16.38 -2.50 -2.98
C ILE A 116 -16.87 -1.06 -3.16
N GLY A 117 -16.65 -0.23 -2.14
CA GLY A 117 -17.09 1.18 -2.18
C GLY A 117 -16.07 2.17 -2.71
N GLY A 118 -14.96 1.68 -3.27
CA GLY A 118 -13.92 2.57 -3.78
C GLY A 118 -14.38 3.30 -5.04
N MET A 119 -13.78 4.46 -5.28
CA MET A 119 -14.14 5.32 -6.42
C MET A 119 -13.90 4.70 -7.79
N PHE A 120 -13.05 3.69 -7.87
CA PHE A 120 -12.70 3.08 -9.16
C PHE A 120 -13.13 1.61 -9.22
N GLY A 121 -14.20 1.27 -8.51
CA GLY A 121 -14.77 -0.08 -8.56
C GLY A 121 -14.24 -1.02 -7.48
N ALA A 122 -14.79 -2.23 -7.47
CA ALA A 122 -14.40 -3.24 -6.50
C ALA A 122 -13.04 -3.85 -6.86
N GLY A 123 -11.98 -3.20 -6.41
CA GLY A 123 -10.63 -3.72 -6.60
C GLY A 123 -9.79 -3.43 -5.37
N ILE A 124 -8.49 -3.64 -5.52
CA ILE A 124 -7.54 -3.43 -4.43
C ILE A 124 -6.78 -2.14 -4.70
N TYR A 125 -6.78 -1.23 -3.73
CA TYR A 125 -6.24 0.12 -3.91
C TYR A 125 -4.87 0.28 -3.27
N PHE A 126 -3.99 0.97 -4.01
CA PHE A 126 -2.65 1.31 -3.57
C PHE A 126 -2.41 2.80 -3.78
N ALA A 127 -1.39 3.34 -3.15
CA ALA A 127 -1.14 4.78 -3.19
C ALA A 127 0.35 5.11 -3.26
N GLU A 128 0.68 6.15 -4.00
CA GLU A 128 2.04 6.71 -3.99
C GLU A 128 2.31 7.50 -2.71
N ASN A 129 1.28 8.19 -2.18
CA ASN A 129 1.38 8.85 -0.88
C ASN A 129 1.25 7.83 0.26
N SER A 130 2.33 7.64 1.01
CA SER A 130 2.29 6.82 2.20
C SER A 130 1.19 7.28 3.16
N SER A 131 1.01 8.58 3.29
CA SER A 131 -0.01 9.14 4.19
C SER A 131 -1.46 8.82 3.79
N LYS A 132 -1.69 8.53 2.50
CA LYS A 132 -3.00 8.08 2.05
C LYS A 132 -3.23 6.65 2.51
N SER A 133 -2.21 5.81 2.38
CA SER A 133 -2.29 4.44 2.90
C SER A 133 -2.47 4.44 4.41
N ASN A 134 -1.83 5.38 5.11
CA ASN A 134 -2.00 5.52 6.55
C ASN A 134 -3.45 5.67 6.99
N GLN A 135 -4.27 6.33 6.15
CA GLN A 135 -5.69 6.54 6.43
C GLN A 135 -6.51 5.25 6.55
N TYR A 136 -5.99 4.13 6.05
CA TYR A 136 -6.73 2.87 6.01
C TYR A 136 -6.19 1.83 6.98
N VAL A 137 -5.22 2.23 7.80
CA VAL A 137 -4.56 1.32 8.72
C VAL A 137 -5.56 0.78 9.75
N TYR A 138 -6.42 1.66 10.26
CA TYR A 138 -7.44 1.28 11.22
C TYR A 138 -8.81 1.10 10.56
N GLY A 139 -8.85 0.92 9.25
CA GLY A 139 -10.10 0.70 8.52
C GLY A 139 -10.45 1.85 7.59
N ILE A 140 -11.60 1.72 6.92
CA ILE A 140 -12.05 2.73 5.97
C ILE A 140 -12.31 4.03 6.73
N GLY A 141 -11.79 5.14 6.21
CA GLY A 141 -11.93 6.44 6.87
C GLY A 141 -11.21 6.51 8.21
N GLY A 142 -10.25 5.61 8.42
CA GLY A 142 -9.58 5.48 9.71
C GLY A 142 -10.38 4.74 10.78
N GLY A 143 -11.56 4.23 10.42
CA GLY A 143 -12.43 3.49 11.35
C GLY A 143 -12.75 4.27 12.61
N THR A 144 -12.62 3.61 13.77
CA THR A 144 -12.72 4.26 15.08
C THR A 144 -11.34 4.54 15.69
N GLY A 145 -10.30 4.55 14.86
CA GLY A 145 -8.94 4.83 15.32
C GLY A 145 -8.30 3.61 15.95
N CYS A 146 -7.27 3.85 16.76
CA CYS A 146 -6.49 2.76 17.35
C CYS A 146 -7.36 1.95 18.32
N PRO A 147 -7.15 0.63 18.35
CA PRO A 147 -7.98 -0.20 19.24
C PRO A 147 -7.91 0.19 20.73
N VAL A 148 -6.77 0.67 21.19
CA VAL A 148 -6.59 0.99 22.61
C VAL A 148 -7.17 2.34 23.06
N HIS A 149 -6.98 3.41 22.29
CA HIS A 149 -7.49 4.74 22.67
C HIS A 149 -8.64 5.26 21.81
N LYS A 150 -9.04 4.50 20.79
CA LYS A 150 -10.05 4.97 19.84
C LYS A 150 -9.69 6.34 19.26
N ASP A 151 -8.41 6.51 18.95
CA ASP A 151 -7.89 7.78 18.47
C ASP A 151 -7.31 7.55 17.08
N ARG A 152 -7.96 8.12 16.07
CA ARG A 152 -7.45 8.07 14.68
C ARG A 152 -6.12 8.79 14.51
N SER A 153 -5.83 9.76 15.39
CA SER A 153 -4.56 10.49 15.38
C SER A 153 -3.61 10.05 16.49
N CYS A 154 -3.70 8.79 16.93
CA CYS A 154 -2.88 8.34 18.05
C CYS A 154 -1.39 8.41 17.74
N TYR A 155 -0.64 9.09 18.60
CA TYR A 155 0.82 9.19 18.48
C TYR A 155 1.57 8.11 19.27
N ILE A 156 0.81 7.23 19.94
CA ILE A 156 1.37 6.20 20.82
C ILE A 156 1.42 4.83 20.15
N CYS A 157 0.27 4.36 19.70
CA CYS A 157 0.13 2.98 19.23
C CYS A 157 0.90 2.78 17.92
N HIS A 158 1.46 1.58 17.77
CA HIS A 158 2.24 1.21 16.59
C HIS A 158 1.32 0.87 15.42
N ARG A 159 1.64 1.43 14.24
CA ARG A 159 0.91 1.16 13.01
C ARG A 159 1.77 0.34 12.07
N GLN A 160 1.14 -0.30 11.08
CA GLN A 160 1.86 -1.05 10.07
C GLN A 160 1.32 -0.75 8.68
N LEU A 161 2.21 -0.53 7.73
CA LEU A 161 1.87 -0.37 6.31
C LEU A 161 2.62 -1.43 5.51
N LEU A 162 2.14 -1.69 4.31
CA LEU A 162 2.85 -2.54 3.36
C LEU A 162 3.41 -1.69 2.22
N PHE A 163 4.64 -1.98 1.82
CA PHE A 163 5.23 -1.41 0.62
C PHE A 163 5.31 -2.56 -0.38
N CYS A 164 4.51 -2.46 -1.45
CA CYS A 164 4.23 -3.58 -2.34
C CYS A 164 4.73 -3.39 -3.77
N ARG A 165 5.17 -4.48 -4.38
CA ARG A 165 5.50 -4.51 -5.79
C ARG A 165 4.21 -4.77 -6.56
N VAL A 166 3.82 -3.82 -7.43
CA VAL A 166 2.51 -3.85 -8.10
C VAL A 166 2.62 -3.80 -9.63
N THR A 167 2.02 -4.77 -10.30
CA THR A 167 1.99 -4.82 -11.76
C THR A 167 0.75 -4.09 -12.27
N LEU A 168 0.96 -2.97 -12.94
CA LEU A 168 -0.13 -2.14 -13.44
C LEU A 168 -0.53 -2.45 -14.88
N GLY A 169 0.44 -2.95 -15.66
CA GLY A 169 0.25 -3.15 -17.09
C GLY A 169 -0.31 -1.93 -17.78
N LYS A 170 -1.18 -2.17 -18.74
CA LYS A 170 -1.98 -1.14 -19.37
C LYS A 170 -2.99 -0.58 -18.38
N SER A 171 -2.73 0.63 -17.91
CA SER A 171 -3.55 1.22 -16.86
C SER A 171 -4.52 2.24 -17.44
N PHE A 172 -5.79 2.09 -17.10
CA PHE A 172 -6.81 3.03 -17.53
C PHE A 172 -6.70 4.33 -16.74
N LEU A 173 -6.55 5.45 -17.44
CA LEU A 173 -6.47 6.76 -16.77
C LEU A 173 -7.85 7.31 -16.47
N GLN A 174 -8.23 7.27 -15.19
CA GLN A 174 -9.50 7.81 -14.72
C GLN A 174 -9.27 9.19 -14.10
N PHE A 175 -9.98 10.20 -14.63
CA PHE A 175 -9.91 11.56 -14.13
C PHE A 175 -11.16 11.91 -13.31
N ALA A 181 -14.59 -7.89 -9.00
CA ALA A 181 -14.98 -7.15 -10.21
C ALA A 181 -13.94 -7.28 -11.33
N HIS A 182 -14.37 -7.02 -12.56
CA HIS A 182 -13.48 -7.10 -13.73
C HIS A 182 -12.86 -5.73 -14.03
N SER A 183 -11.63 -5.75 -14.52
CA SER A 183 -10.93 -4.54 -14.94
C SER A 183 -11.54 -4.01 -16.24
N PRO A 184 -11.29 -2.72 -16.57
CA PRO A 184 -11.74 -2.18 -17.86
C PRO A 184 -11.19 -3.00 -19.05
N PRO A 185 -12.02 -3.24 -20.09
CA PRO A 185 -11.63 -4.11 -21.21
C PRO A 185 -10.30 -3.70 -21.89
N GLY A 186 -9.35 -4.64 -21.94
CA GLY A 186 -8.02 -4.38 -22.48
C GLY A 186 -7.04 -3.77 -21.49
N HIS A 187 -7.51 -3.44 -20.28
CA HIS A 187 -6.68 -2.82 -19.24
C HIS A 187 -6.46 -3.76 -18.06
N HIS A 188 -5.32 -3.61 -17.40
CA HIS A 188 -4.95 -4.47 -16.27
C HIS A 188 -5.04 -3.77 -14.92
N SER A 189 -5.31 -2.47 -14.94
CA SER A 189 -5.40 -1.70 -13.71
C SER A 189 -6.03 -0.37 -14.01
N VAL A 190 -6.34 0.38 -12.96
CA VAL A 190 -6.83 1.73 -13.12
C VAL A 190 -5.93 2.72 -12.36
N THR A 191 -5.62 3.83 -13.01
CA THR A 191 -4.91 4.94 -12.39
C THR A 191 -5.88 6.06 -12.06
N GLY A 192 -6.02 6.37 -10.78
CA GLY A 192 -6.73 7.56 -10.32
C GLY A 192 -5.75 8.70 -10.15
N ARG A 193 -6.04 9.84 -10.79
CA ARG A 193 -5.17 11.01 -10.80
C ARG A 193 -5.79 12.17 -10.01
N PRO A 194 -5.85 12.06 -8.67
CA PRO A 194 -6.63 13.03 -7.89
C PRO A 194 -6.02 14.43 -7.87
N ASN A 197 -6.63 18.46 -6.71
CA ASN A 197 -5.47 18.79 -5.90
C ASN A 197 -4.16 18.55 -6.65
N GLY A 198 -3.27 19.55 -6.61
CA GLY A 198 -2.00 19.53 -7.32
C GLY A 198 -0.88 18.74 -6.64
N LEU A 199 -0.89 18.71 -5.31
CA LEU A 199 0.13 17.99 -4.53
C LEU A 199 -0.14 16.49 -4.40
N ALA A 200 -1.40 16.09 -4.53
CA ALA A 200 -1.79 14.70 -4.40
C ALA A 200 -1.13 13.85 -5.48
N LEU A 201 -0.49 12.75 -5.07
CA LEU A 201 0.05 11.78 -6.01
C LEU A 201 -1.02 10.75 -6.39
N ALA A 202 -0.70 9.90 -7.35
CA ALA A 202 -1.68 8.97 -7.92
C ALA A 202 -2.07 7.86 -6.97
N GLU A 203 -3.23 7.28 -7.23
CA GLU A 203 -3.71 6.10 -6.53
C GLU A 203 -4.02 5.07 -7.61
N TYR A 204 -3.91 3.79 -7.27
CA TYR A 204 -4.01 2.73 -8.27
C TYR A 204 -4.90 1.60 -7.79
N VAL A 205 -5.59 0.97 -8.73
CA VAL A 205 -6.47 -0.14 -8.44
C VAL A 205 -6.13 -1.31 -9.34
N ILE A 206 -6.02 -2.49 -8.75
CA ILE A 206 -5.87 -3.73 -9.49
C ILE A 206 -7.06 -4.61 -9.17
N TYR A 207 -7.37 -5.53 -10.07
CA TYR A 207 -8.52 -6.41 -9.91
C TYR A 207 -8.15 -7.88 -9.83
N ARG A 208 -6.85 -8.18 -9.92
CA ARG A 208 -6.33 -9.52 -9.71
C ARG A 208 -5.38 -9.43 -8.53
N GLY A 209 -5.63 -10.24 -7.50
CA GLY A 209 -4.77 -10.27 -6.32
C GLY A 209 -3.34 -10.67 -6.64
N GLU A 210 -3.18 -11.43 -7.73
CA GLU A 210 -1.87 -11.90 -8.17
C GLU A 210 -0.99 -10.78 -8.75
N GLN A 211 -1.54 -9.58 -8.93
CA GLN A 211 -0.79 -8.45 -9.48
C GLN A 211 -0.11 -7.56 -8.42
N ALA A 212 -0.07 -8.02 -7.18
CA ALA A 212 0.65 -7.32 -6.13
C ALA A 212 1.33 -8.33 -5.21
N TYR A 213 2.56 -8.02 -4.82
CA TYR A 213 3.29 -8.82 -3.85
C TYR A 213 3.68 -7.92 -2.68
N PRO A 214 3.32 -8.32 -1.43
CA PRO A 214 3.60 -7.53 -0.24
C PRO A 214 5.06 -7.67 0.19
N GLU A 215 5.90 -6.74 -0.20
CA GLU A 215 7.34 -6.94 -0.12
C GLU A 215 7.97 -6.48 1.19
N TYR A 216 7.58 -5.31 1.67
CA TYR A 216 8.07 -4.79 2.96
C TYR A 216 6.92 -4.50 3.92
N LEU A 217 7.10 -4.93 5.16
CA LEU A 217 6.18 -4.62 6.24
C LEU A 217 6.85 -3.59 7.13
N ILE A 218 6.23 -2.42 7.26
CA ILE A 218 6.80 -1.29 7.96
C ILE A 218 6.01 -1.00 9.23
N THR A 219 6.69 -0.97 10.37
CA THR A 219 6.06 -0.67 11.66
C THR A 219 6.49 0.74 12.07
N TYR A 220 5.54 1.56 12.49
CA TYR A 220 5.79 2.98 12.70
C TYR A 220 4.78 3.67 13.59
N GLN A 221 5.13 4.88 14.03
CA GLN A 221 4.20 5.80 14.63
C GLN A 221 4.16 7.07 13.79
N ILE A 222 3.00 7.72 13.71
CA ILE A 222 2.94 9.10 13.23
C ILE A 222 3.51 9.99 14.33
N MET A 223 4.12 11.11 13.94
CA MET A 223 4.75 12.01 14.90
C MET A 223 3.93 13.28 15.06
N ARG A 224 3.83 13.75 16.30
CA ARG A 224 3.15 15.00 16.59
C ARG A 224 4.04 16.14 16.12
N PRO A 225 3.51 17.04 15.27
CA PRO A 225 4.32 18.18 14.82
C PRO A 225 4.76 19.09 15.97
N GLU A 226 5.96 19.65 15.88
CA GLU A 226 6.49 20.53 16.92
C GLU A 226 5.91 21.93 16.78
ZN ZN B . -3.58 4.42 20.61
P PO4 C . -7.61 13.53 0.50
O1 PO4 C . -8.52 13.60 1.71
O2 PO4 C . -8.39 13.29 -0.75
O3 PO4 C . -6.70 12.35 0.72
O4 PO4 C . -6.81 14.82 0.37
C20 59B D . -7.82 -1.58 2.87
C11 59B D . -12.07 -5.10 1.55
C14 59B D . -12.18 -3.59 1.85
C22 59B D . -8.09 -0.44 2.10
C17 59B D . -10.17 -1.89 3.32
C18 59B D . -8.85 -2.30 3.49
O01 59B D . -11.31 -2.58 5.21
C02 59B D . -11.26 -2.65 3.98
N03 59B D . -12.15 -3.39 3.31
C04 59B D . -13.23 -4.15 3.98
C07 59B D . -13.19 -5.64 3.59
O10 59B D . -13.14 -5.81 2.17
N23 59B D . -6.95 0.21 1.55
C25 59B D . -6.92 1.33 0.76
N26 59B D . -7.97 1.92 0.24
C27 59B D . -7.86 3.06 -0.59
C28 59B D . -9.01 3.65 -1.12
C30 59B D . -8.92 4.78 -1.94
C32 59B D . -7.65 5.33 -2.22
C34 59B D . -6.49 4.74 -1.68
C36 59B D . -6.60 3.61 -0.88
N37 59B D . -5.46 2.99 -0.34
N38 59B D . -4.04 3.28 -0.41
N39 59B D . -3.43 2.42 0.26
N40 59B D . -4.39 1.51 0.84
C41 59B D . -5.57 1.89 0.46
C42 59B D . -9.42 -0.03 1.93
C44 59B D . -10.45 -0.75 2.55
#